data_2V7Y
#
_entry.id   2V7Y
#
_cell.length_a   52.753
_cell.length_b   71.455
_cell.length_c   183.864
_cell.angle_alpha   90.00
_cell.angle_beta   90.00
_cell.angle_gamma   90.00
#
_symmetry.space_group_name_H-M   'P 21 21 21'
#
loop_
_entity.id
_entity.type
_entity.pdbx_description
1 polymer 'CHAPERONE PROTEIN DNAK'
2 non-polymer "ADENOSINE-5'-DIPHOSPHATE"
3 non-polymer 'PHOSPHATE ION'
4 non-polymer 'MAGNESIUM ION'
5 water water
#
_entity_poly.entity_id   1
_entity_poly.type   'polypeptide(L)'
_entity_poly.pdbx_seq_one_letter_code
;MSKIIGIDLGTTNSCVAVLEGGEVKVIPNPEGNRTTPSVVAFKNGERLVGEVAKRQAITNPNTIISIKRHMGTDYKVEIE
GKQYTPQEISAIILQYLKSYAEDYLGEPVTRAVITVPAYFNDAQRQATKDAGRIAGLEVERIINEPTAAALAYGLDKEED
QTILVYDLGGGTFDVSILELGDGVFEVKATAGDNHLGGDDFDQVIIDYLVNQFKQEHGIDLSKDKMALQRLKDAAEKAKK
ELSGVTQTQISLPFISANENGPLHLEMTLTRAKFEELSAHLVERTMGPVRQALQDAGLTPADIDKVILVGGSTRIPAVQE
AIKRELGKEPHKGVNPDEVVAIGAAIQGGVIAGEVKDVVLLDVTPLSLGIETMGGVFTKLIERNTTIPTSKSQVFTTAAD
NQTTVDIHVLQGERPMAADNKSLGRFQLTGIPPAPRGVPQIEVTFDIDANGIVHVRAKDLGTNKEQSITIKSSSGLSEEE
IQRMIKEAEENAEADRKRKEAAELRNEAD
;
_entity_poly.pdbx_strand_id   A
#
# COMPACT_ATOMS: atom_id res chain seq x y z
N MET A 1 -2.98 -14.41 -13.23
CA MET A 1 -1.58 -14.22 -12.78
C MET A 1 -1.49 -13.96 -11.26
N SER A 2 -0.42 -14.48 -10.66
CA SER A 2 -0.18 -14.36 -9.23
C SER A 2 -0.41 -13.02 -8.56
N LYS A 3 -0.62 -13.11 -7.24
CA LYS A 3 -0.80 -11.95 -6.38
C LYS A 3 0.60 -11.70 -5.81
N ILE A 4 0.83 -10.51 -5.26
CA ILE A 4 2.14 -10.22 -4.66
C ILE A 4 1.88 -10.17 -3.15
N ILE A 5 2.24 -11.23 -2.45
CA ILE A 5 2.04 -11.28 -1.01
C ILE A 5 3.07 -10.37 -0.33
N GLY A 6 2.69 -9.79 0.81
CA GLY A 6 3.59 -8.94 1.56
C GLY A 6 4.19 -9.78 2.67
N ILE A 7 5.51 -9.83 2.74
CA ILE A 7 6.19 -10.63 3.74
C ILE A 7 7.10 -9.88 4.71
N ASP A 8 6.79 -10.00 5.99
CA ASP A 8 7.63 -9.42 7.03
C ASP A 8 8.44 -10.62 7.55
N LEU A 9 9.68 -10.77 7.07
CA LEU A 9 10.57 -11.87 7.47
C LEU A 9 11.38 -11.37 8.67
N GLY A 10 10.79 -11.50 9.85
CA GLY A 10 11.45 -11.00 11.04
C GLY A 10 12.41 -11.89 11.79
N THR A 11 13.19 -11.26 12.67
CA THR A 11 14.17 -11.92 13.51
C THR A 11 13.54 -12.98 14.42
N THR A 12 12.36 -12.69 14.95
CA THR A 12 11.69 -13.62 15.85
C THR A 12 10.46 -14.22 15.19
N ASN A 13 9.71 -13.39 14.47
CA ASN A 13 8.49 -13.82 13.80
C ASN A 13 8.40 -13.33 12.38
N SER A 14 7.58 -14.02 11.62
CA SER A 14 7.33 -13.69 10.23
C SER A 14 5.82 -13.60 10.04
N CYS A 15 5.40 -12.75 9.12
CA CYS A 15 3.99 -12.56 8.86
C CYS A 15 3.81 -12.29 7.37
N VAL A 16 2.70 -12.77 6.82
CA VAL A 16 2.40 -12.57 5.41
C VAL A 16 0.99 -12.04 5.27
N ALA A 17 0.85 -11.02 4.42
CA ALA A 17 -0.43 -10.37 4.16
C ALA A 17 -0.64 -10.25 2.65
N VAL A 18 -1.89 -10.08 2.25
CA VAL A 18 -2.17 -9.98 0.83
C VAL A 18 -3.36 -9.07 0.61
N LEU A 19 -3.41 -8.44 -0.55
CA LEU A 19 -4.53 -7.59 -0.88
C LEU A 19 -5.56 -8.43 -1.64
N GLU A 20 -6.71 -8.68 -1.03
CA GLU A 20 -7.77 -9.40 -1.71
C GLU A 20 -8.99 -8.52 -1.52
N GLY A 21 -9.71 -8.28 -2.61
CA GLY A 21 -10.84 -7.39 -2.56
C GLY A 21 -10.11 -6.06 -2.60
N GLY A 22 -10.48 -5.12 -1.75
CA GLY A 22 -9.78 -3.85 -1.71
C GLY A 22 -9.21 -3.69 -0.32
N GLU A 23 -9.15 -4.80 0.41
CA GLU A 23 -8.66 -4.80 1.79
C GLU A 23 -7.43 -5.69 1.95
N VAL A 24 -6.54 -5.30 2.86
CA VAL A 24 -5.35 -6.10 3.12
C VAL A 24 -5.74 -7.11 4.18
N LYS A 25 -5.37 -8.37 3.94
CA LYS A 25 -5.69 -9.44 4.86
C LYS A 25 -4.43 -10.14 5.34
N VAL A 26 -4.32 -10.33 6.65
CA VAL A 26 -3.17 -11.03 7.20
C VAL A 26 -3.54 -12.51 7.11
N ILE A 27 -2.65 -13.31 6.51
CA ILE A 27 -2.93 -14.73 6.32
C ILE A 27 -2.59 -15.61 7.51
N PRO A 28 -3.60 -16.30 8.07
CA PRO A 28 -3.37 -17.20 9.21
C PRO A 28 -2.57 -18.40 8.73
N ASN A 29 -1.70 -18.94 9.58
CA ASN A 29 -0.90 -20.09 9.17
C ASN A 29 -1.67 -21.40 9.44
N PRO A 30 -1.09 -22.55 9.07
CA PRO A 30 -1.75 -23.85 9.28
C PRO A 30 -2.46 -24.07 10.62
N GLU A 31 -1.95 -23.50 11.71
CA GLU A 31 -2.59 -23.68 13.00
C GLU A 31 -3.41 -22.47 13.47
N GLY A 32 -3.81 -21.63 12.52
CA GLY A 32 -4.63 -20.48 12.85
C GLY A 32 -4.02 -19.21 13.40
N ASN A 33 -2.68 -19.13 13.49
CA ASN A 33 -2.05 -17.92 14.02
C ASN A 33 -1.59 -17.01 12.88
N ARG A 34 -1.65 -15.69 13.09
CA ARG A 34 -1.24 -14.76 12.05
C ARG A 34 0.25 -14.49 11.93
N THR A 35 1.03 -14.89 12.92
CA THR A 35 2.48 -14.71 12.84
C THR A 35 3.09 -16.08 13.16
N THR A 36 4.19 -16.43 12.51
CA THR A 36 4.79 -17.71 12.79
C THR A 36 6.26 -17.50 13.12
N PRO A 37 6.74 -18.17 14.17
CA PRO A 37 8.14 -18.05 14.59
C PRO A 37 9.14 -18.29 13.47
N SER A 38 10.11 -17.37 13.39
CA SER A 38 11.15 -17.46 12.38
C SER A 38 12.23 -18.41 12.88
N VAL A 39 11.89 -19.68 13.04
CA VAL A 39 12.87 -20.65 13.50
C VAL A 39 12.69 -21.96 12.75
N VAL A 40 13.80 -22.63 12.46
CA VAL A 40 13.78 -23.87 11.74
C VAL A 40 14.48 -24.96 12.53
N ALA A 41 13.86 -26.10 12.61
CA ALA A 41 14.49 -27.22 13.32
C ALA A 41 14.64 -28.42 12.41
N PHE A 42 15.76 -29.01 12.50
CA PHE A 42 15.97 -30.22 11.67
C PHE A 42 15.90 -31.43 12.53
N LYS A 43 14.66 -31.98 12.73
CA LYS A 43 14.68 -33.04 13.78
C LYS A 43 15.02 -34.35 13.11
N ASN A 44 13.93 -34.67 12.16
CA ASN A 44 14.43 -35.95 11.65
C ASN A 44 14.17 -36.08 10.16
N GLY A 45 15.11 -35.07 9.78
CA GLY A 45 15.58 -34.93 8.39
C GLY A 45 14.56 -34.01 7.68
N GLU A 46 13.35 -34.15 8.16
CA GLU A 46 12.24 -33.22 8.14
C GLU A 46 12.54 -31.94 8.89
N ARG A 47 12.56 -30.95 8.00
CA ARG A 47 12.63 -29.53 8.25
C ARG A 47 11.38 -29.06 9.04
N LEU A 48 11.41 -28.70 10.25
CA LEU A 48 10.28 -28.14 10.99
C LEU A 48 10.43 -26.63 11.11
N VAL A 49 9.34 -25.90 10.91
CA VAL A 49 9.36 -24.46 11.02
C VAL A 49 8.11 -23.96 11.74
N GLY A 50 8.26 -22.85 12.47
CA GLY A 50 7.12 -22.31 13.18
C GLY A 50 7.09 -22.71 14.64
N GLU A 51 5.90 -22.69 15.22
CA GLU A 51 5.74 -23.04 16.63
C GLU A 51 6.30 -24.43 16.95
N VAL A 52 6.04 -25.39 16.08
CA VAL A 52 6.52 -26.76 16.31
C VAL A 52 8.04 -26.78 16.48
N ALA A 53 8.74 -25.88 15.77
CA ALA A 53 10.19 -25.81 15.87
C ALA A 53 10.58 -25.02 17.11
N LYS A 54 9.83 -23.96 17.41
CA LYS A 54 10.14 -23.14 18.59
C LYS A 54 9.86 -23.90 19.90
N ARG A 55 8.83 -24.75 19.92
CA ARG A 55 8.50 -25.54 21.11
C ARG A 55 9.68 -26.42 21.58
N GLN A 56 10.62 -26.72 20.69
CA GLN A 56 11.75 -27.56 21.07
C GLN A 56 13.09 -26.87 20.87
N ALA A 57 13.10 -25.54 20.93
CA ALA A 57 14.34 -24.79 20.71
C ALA A 57 15.40 -25.00 21.79
N ILE A 58 14.98 -25.10 23.04
CA ILE A 58 15.89 -25.32 24.15
C ILE A 58 16.30 -26.80 24.15
N THR A 59 15.30 -27.66 24.00
CA THR A 59 15.47 -29.11 23.97
C THR A 59 16.31 -29.67 22.82
N ASN A 60 16.11 -29.16 21.61
CA ASN A 60 16.83 -29.63 20.42
C ASN A 60 18.04 -28.78 20.07
N PRO A 61 19.22 -29.43 19.90
CA PRO A 61 20.50 -28.80 19.56
C PRO A 61 20.60 -28.28 18.12
N ASN A 62 19.80 -28.81 17.20
CA ASN A 62 19.92 -28.23 15.87
C ASN A 62 18.51 -27.67 15.77
N THR A 63 18.46 -26.35 15.87
CA THR A 63 17.23 -25.57 15.84
C THR A 63 17.89 -24.27 15.48
N ILE A 64 17.32 -23.52 14.55
CA ILE A 64 18.01 -22.30 14.18
C ILE A 64 17.10 -21.16 14.53
N ILE A 65 17.67 -20.29 15.35
CA ILE A 65 16.97 -19.13 15.88
C ILE A 65 17.61 -17.82 15.42
N SER A 66 16.75 -16.86 15.08
CA SER A 66 17.18 -15.56 14.61
C SER A 66 18.35 -15.61 13.63
N ILE A 67 18.18 -16.41 12.58
CA ILE A 67 19.21 -16.52 11.58
C ILE A 67 19.30 -15.22 10.78
N LYS A 68 18.35 -14.37 10.94
CA LYS A 68 18.39 -13.09 10.36
C LYS A 68 19.56 -12.20 10.80
N ARG A 69 20.21 -12.48 11.86
CA ARG A 69 21.34 -11.75 12.38
C ARG A 69 22.64 -11.95 11.62
N HIS A 70 22.58 -12.94 10.78
CA HIS A 70 23.61 -13.55 9.96
C HIS A 70 23.62 -13.11 8.53
N MET A 71 22.37 -12.97 8.03
CA MET A 71 22.09 -12.59 6.66
C MET A 71 23.10 -11.55 6.14
N GLY A 72 23.63 -11.84 4.94
CA GLY A 72 24.59 -10.94 4.32
C GLY A 72 25.99 -11.18 4.84
N THR A 73 26.17 -12.33 5.46
CA THR A 73 27.41 -12.74 6.05
C THR A 73 27.79 -14.13 5.51
N ASP A 74 29.07 -14.49 5.57
CA ASP A 74 29.47 -15.81 5.08
C ASP A 74 29.37 -16.85 6.20
N TYR A 75 28.48 -16.60 7.15
CA TYR A 75 28.23 -17.49 8.28
C TYR A 75 27.63 -18.79 7.75
N LYS A 76 27.93 -19.88 8.44
CA LYS A 76 27.41 -21.16 8.03
C LYS A 76 26.92 -21.94 9.25
N VAL A 77 25.74 -22.53 9.18
CA VAL A 77 25.28 -23.34 10.29
C VAL A 77 25.42 -24.79 9.81
N GLU A 78 25.90 -25.66 10.70
CA GLU A 78 26.12 -27.04 10.35
C GLU A 78 25.24 -28.00 11.14
N ILE A 79 24.40 -28.74 10.43
CA ILE A 79 23.51 -29.73 11.05
C ILE A 79 23.89 -31.11 10.50
N GLU A 80 24.40 -31.97 11.39
CA GLU A 80 24.82 -33.32 11.01
C GLU A 80 25.84 -33.31 9.86
N GLY A 81 26.87 -32.48 10.01
CA GLY A 81 27.91 -32.39 8.99
C GLY A 81 27.60 -31.63 7.72
N LYS A 82 26.39 -31.08 7.61
CA LYS A 82 25.98 -30.34 6.43
C LYS A 82 25.85 -28.83 6.67
N GLN A 83 26.47 -28.04 5.81
CA GLN A 83 26.42 -26.58 5.95
C GLN A 83 25.26 -25.92 5.20
N TYR A 84 24.65 -24.92 5.83
CA TYR A 84 23.54 -24.17 5.27
C TYR A 84 23.89 -22.70 5.47
N THR A 85 23.59 -21.87 4.46
CA THR A 85 23.85 -20.45 4.57
C THR A 85 22.60 -19.82 5.15
N PRO A 86 22.68 -18.57 5.62
CA PRO A 86 21.49 -17.91 6.18
C PRO A 86 20.38 -17.77 5.13
N GLN A 87 20.78 -17.60 3.87
CA GLN A 87 19.84 -17.47 2.75
C GLN A 87 19.00 -18.73 2.66
N GLU A 88 19.66 -19.87 2.81
CA GLU A 88 18.99 -21.15 2.70
C GLU A 88 18.00 -21.40 3.84
N ILE A 89 18.40 -21.11 5.07
CA ILE A 89 17.46 -21.30 6.18
C ILE A 89 16.33 -20.27 6.05
N SER A 90 16.66 -19.06 5.63
CA SER A 90 15.63 -18.04 5.46
C SER A 90 14.65 -18.51 4.39
N ALA A 91 15.15 -19.23 3.40
CA ALA A 91 14.31 -19.75 2.33
C ALA A 91 13.29 -20.77 2.84
N ILE A 92 13.72 -21.63 3.78
CA ILE A 92 12.81 -22.64 4.35
C ILE A 92 11.61 -21.94 5.00
N ILE A 93 11.89 -20.91 5.80
CA ILE A 93 10.83 -20.15 6.46
C ILE A 93 9.91 -19.59 5.37
N LEU A 94 10.46 -19.01 4.45
CA LEU A 94 9.96 -18.48 3.22
C LEU A 94 9.01 -19.35 2.42
N GLN A 95 9.36 -20.57 2.14
CA GLN A 95 8.65 -21.67 1.57
C GLN A 95 7.41 -21.99 2.44
N TYR A 96 7.61 -21.95 3.76
CA TYR A 96 6.44 -22.18 4.64
C TYR A 96 5.37 -21.10 4.47
N LEU A 97 5.77 -19.93 4.56
CA LEU A 97 4.85 -18.80 4.40
C LEU A 97 4.16 -18.82 3.04
N LYS A 98 4.94 -19.05 1.98
CA LYS A 98 4.39 -19.08 0.65
C LYS A 98 3.34 -20.18 0.52
N SER A 99 3.67 -21.28 1.23
CA SER A 99 2.81 -22.40 1.13
C SER A 99 1.46 -22.12 1.71
N TYR A 100 1.42 -21.70 2.96
CA TYR A 100 0.16 -21.42 3.56
C TYR A 100 -0.63 -20.29 3.00
N ALA A 101 -0.02 -19.23 2.46
CA ALA A 101 -0.61 -18.23 1.56
C ALA A 101 -1.25 -18.87 0.35
N GLU A 102 -0.63 -19.91 -0.20
CA GLU A 102 -1.33 -20.62 -1.30
C GLU A 102 -2.58 -21.35 -0.81
N ASP A 103 -2.52 -21.96 0.39
CA ASP A 103 -3.68 -22.69 0.92
C ASP A 103 -4.82 -21.72 1.08
N TYR A 104 -4.51 -20.58 1.67
CA TYR A 104 -5.49 -19.54 1.92
C TYR A 104 -6.07 -18.91 0.67
N LEU A 105 -5.23 -18.74 -0.35
CA LEU A 105 -5.66 -18.14 -1.60
C LEU A 105 -6.31 -19.16 -2.54
N GLY A 106 -5.98 -20.43 -2.36
CA GLY A 106 -6.53 -21.47 -3.19
C GLY A 106 -5.95 -21.38 -4.59
N GLU A 107 -4.74 -20.81 -4.69
CA GLU A 107 -4.05 -20.64 -5.96
C GLU A 107 -2.56 -20.44 -5.68
N PRO A 108 -1.71 -20.57 -6.71
CA PRO A 108 -0.26 -20.39 -6.54
C PRO A 108 0.12 -18.93 -6.28
N VAL A 109 1.11 -18.71 -5.43
CA VAL A 109 1.59 -17.34 -5.21
C VAL A 109 3.06 -17.46 -5.61
N THR A 110 3.46 -16.60 -6.53
CA THR A 110 4.81 -16.70 -7.04
C THR A 110 5.56 -15.38 -7.02
N ARG A 111 4.95 -14.37 -6.42
CA ARG A 111 5.55 -13.05 -6.34
C ARG A 111 5.39 -12.50 -4.93
N ALA A 112 6.36 -11.71 -4.49
CA ALA A 112 6.31 -11.11 -3.17
C ALA A 112 7.12 -9.84 -3.04
N VAL A 113 6.80 -9.09 -1.99
CA VAL A 113 7.52 -7.87 -1.63
C VAL A 113 8.06 -8.25 -0.26
N ILE A 114 9.38 -8.28 -0.12
CA ILE A 114 9.98 -8.64 1.15
C ILE A 114 10.49 -7.41 1.86
N THR A 115 10.32 -7.43 3.16
CA THR A 115 10.68 -6.33 4.02
C THR A 115 12.03 -6.57 4.73
N VAL A 116 12.78 -5.50 4.98
CA VAL A 116 14.09 -5.58 5.66
C VAL A 116 14.32 -4.33 6.52
N PRO A 117 15.27 -4.39 7.46
CA PRO A 117 15.55 -3.24 8.31
C PRO A 117 16.11 -2.10 7.45
N ALA A 118 15.77 -0.86 7.81
CA ALA A 118 16.22 0.30 7.06
C ALA A 118 17.74 0.39 6.95
N TYR A 119 18.45 -0.24 7.88
CA TYR A 119 19.91 -0.21 7.88
C TYR A 119 20.60 -1.37 7.18
N PHE A 120 19.85 -2.21 6.47
CA PHE A 120 20.48 -3.33 5.78
C PHE A 120 21.37 -2.84 4.64
N ASN A 121 22.57 -3.41 4.53
CA ASN A 121 23.48 -3.04 3.46
C ASN A 121 23.16 -3.85 2.20
N ASP A 122 23.99 -3.72 1.16
CA ASP A 122 23.74 -4.43 -0.09
C ASP A 122 23.76 -5.93 0.08
N ALA A 123 24.81 -6.45 0.69
CA ALA A 123 24.94 -7.83 1.16
C ALA A 123 23.74 -8.43 1.85
N GLN A 124 23.16 -7.77 2.81
CA GLN A 124 22.02 -8.05 3.63
C GLN A 124 20.75 -8.12 2.83
N ARG A 125 20.59 -7.11 1.96
CA ARG A 125 19.41 -7.09 1.09
C ARG A 125 19.47 -8.32 0.15
N GLN A 126 20.61 -8.35 -0.60
CA GLN A 126 20.78 -9.37 -1.61
C GLN A 126 20.56 -10.75 -1.03
N ALA A 127 20.99 -10.94 0.21
CA ALA A 127 20.85 -12.23 0.87
C ALA A 127 19.38 -12.58 1.05
N THR A 128 18.53 -11.56 1.24
CA THR A 128 17.11 -11.84 1.41
C THR A 128 16.37 -11.87 0.07
N LYS A 129 16.95 -11.27 -0.96
CA LYS A 129 16.37 -11.32 -2.32
C LYS A 129 16.62 -12.77 -2.79
N ASP A 130 17.81 -13.27 -2.48
CA ASP A 130 18.24 -14.63 -2.83
C ASP A 130 17.43 -15.68 -2.08
N ALA A 131 17.07 -15.38 -0.84
CA ALA A 131 16.28 -16.29 -0.02
C ALA A 131 14.90 -16.44 -0.65
N GLY A 132 14.38 -15.33 -1.18
CA GLY A 132 13.08 -15.35 -1.82
C GLY A 132 13.11 -16.22 -3.05
N ARG A 133 14.18 -16.08 -3.83
CA ARG A 133 14.32 -16.88 -5.05
C ARG A 133 14.48 -18.37 -4.77
N ILE A 134 15.26 -18.71 -3.74
CA ILE A 134 15.43 -20.12 -3.40
C ILE A 134 14.05 -20.70 -3.12
N ALA A 135 13.24 -19.94 -2.40
CA ALA A 135 11.89 -20.36 -2.03
C ALA A 135 10.89 -20.36 -3.19
N GLY A 136 11.33 -19.92 -4.36
CA GLY A 136 10.46 -19.90 -5.53
C GLY A 136 9.63 -18.64 -5.72
N LEU A 137 10.09 -17.53 -5.15
CA LEU A 137 9.37 -16.28 -5.27
C LEU A 137 10.10 -15.25 -6.09
N GLU A 138 9.35 -14.51 -6.89
CA GLU A 138 9.93 -13.45 -7.67
C GLU A 138 9.82 -12.26 -6.69
N VAL A 139 10.96 -11.78 -6.19
CA VAL A 139 10.93 -10.65 -5.27
C VAL A 139 10.78 -9.36 -6.07
N GLU A 140 9.54 -8.88 -6.14
CA GLU A 140 9.20 -7.68 -6.88
C GLU A 140 9.80 -6.41 -6.28
N ARG A 141 10.03 -6.43 -4.97
CA ARG A 141 10.54 -5.24 -4.31
C ARG A 141 11.02 -5.53 -2.88
N ILE A 142 12.10 -4.87 -2.48
CA ILE A 142 12.64 -5.00 -1.13
C ILE A 142 12.41 -3.62 -0.52
N ILE A 143 11.47 -3.49 0.41
CA ILE A 143 11.23 -2.20 1.05
C ILE A 143 11.60 -2.32 2.53
N ASN A 144 11.93 -1.20 3.17
CA ASN A 144 12.29 -1.29 4.58
C ASN A 144 11.10 -1.23 5.52
N GLU A 145 11.28 -1.89 6.65
CA GLU A 145 10.27 -2.00 7.69
C GLU A 145 9.64 -0.69 8.16
N PRO A 146 10.45 0.33 8.51
CA PRO A 146 9.86 1.59 8.97
C PRO A 146 8.86 2.13 7.94
N THR A 147 9.25 2.10 6.68
CA THR A 147 8.42 2.59 5.58
C THR A 147 7.16 1.75 5.38
N ALA A 148 7.30 0.44 5.49
CA ALA A 148 6.18 -0.48 5.35
C ALA A 148 5.13 -0.16 6.42
N ALA A 149 5.60 0.12 7.63
CA ALA A 149 4.70 0.46 8.73
C ALA A 149 3.95 1.76 8.43
N ALA A 150 4.67 2.74 7.90
CA ALA A 150 4.07 4.02 7.55
C ALA A 150 2.99 3.80 6.50
N LEU A 151 3.27 2.90 5.57
CA LEU A 151 2.35 2.55 4.49
C LEU A 151 1.05 1.95 5.04
N ALA A 152 1.18 1.14 6.08
CA ALA A 152 0.02 0.48 6.71
C ALA A 152 -0.93 1.50 7.36
N TYR A 153 -0.40 2.67 7.70
CA TYR A 153 -1.22 3.72 8.31
C TYR A 153 -1.68 4.69 7.22
N GLY A 154 -1.28 4.42 5.98
CA GLY A 154 -1.66 5.28 4.87
C GLY A 154 -1.13 6.69 5.02
N LEU A 155 0.06 6.81 5.59
CA LEU A 155 0.68 8.11 5.80
C LEU A 155 1.14 8.78 4.50
N ASP A 156 1.49 7.96 3.51
CA ASP A 156 1.96 8.46 2.21
C ASP A 156 0.83 9.14 1.42
N LYS A 157 -0.37 9.13 1.97
CA LYS A 157 -1.54 9.72 1.34
C LYS A 157 -1.84 11.08 1.98
N GLU A 158 -0.95 11.51 2.88
CA GLU A 158 -1.13 12.76 3.60
C GLU A 158 -0.13 13.87 3.28
N GLU A 159 -0.23 14.92 4.09
CA GLU A 159 0.61 16.10 3.99
C GLU A 159 2.04 15.80 4.43
N ASP A 160 3.00 16.58 3.94
CA ASP A 160 4.39 16.40 4.31
C ASP A 160 4.45 16.42 5.83
N GLN A 161 5.33 15.58 6.40
CA GLN A 161 5.43 15.51 7.84
C GLN A 161 6.61 14.66 8.29
N THR A 162 6.94 14.74 9.57
CA THR A 162 8.04 13.96 10.12
C THR A 162 7.46 12.88 11.03
N ILE A 163 7.93 11.66 10.85
CA ILE A 163 7.42 10.52 11.60
C ILE A 163 8.53 9.78 12.35
N LEU A 164 8.21 9.30 13.55
CA LEU A 164 9.18 8.57 14.34
C LEU A 164 8.61 7.16 14.56
N VAL A 165 9.26 6.14 14.03
CA VAL A 165 8.75 4.80 14.27
C VAL A 165 9.65 4.13 15.30
N TYR A 166 8.99 3.67 16.35
CA TYR A 166 9.59 3.02 17.50
C TYR A 166 9.27 1.53 17.35
N ASP A 167 10.29 0.75 17.02
CA ASP A 167 10.16 -0.67 16.74
C ASP A 167 10.87 -1.58 17.74
N LEU A 168 10.09 -2.21 18.61
CA LEU A 168 10.64 -3.12 19.60
C LEU A 168 10.09 -4.52 19.36
N GLY A 169 10.92 -5.39 18.79
CA GLY A 169 10.49 -6.74 18.49
C GLY A 169 10.86 -7.77 19.54
N GLY A 170 11.14 -8.99 19.08
CA GLY A 170 11.51 -10.07 19.98
C GLY A 170 12.98 -10.06 20.32
N GLY A 171 13.80 -9.57 19.39
CA GLY A 171 15.23 -9.49 19.63
C GLY A 171 15.91 -8.15 19.39
N THR A 172 15.29 -7.24 18.63
CA THR A 172 15.92 -5.97 18.33
C THR A 172 15.06 -4.73 18.53
N PHE A 173 15.74 -3.61 18.71
CA PHE A 173 15.10 -2.32 18.89
C PHE A 173 15.59 -1.33 17.83
N ASP A 174 14.66 -0.78 17.07
CA ASP A 174 15.00 0.17 16.02
C ASP A 174 14.14 1.41 16.10
N VAL A 175 14.73 2.57 15.86
CA VAL A 175 13.97 3.81 15.82
C VAL A 175 14.39 4.47 14.51
N SER A 176 13.42 4.90 13.72
CA SER A 176 13.71 5.55 12.45
C SER A 176 12.90 6.82 12.31
N ILE A 177 13.52 7.87 11.79
CA ILE A 177 12.77 9.09 11.58
C ILE A 177 12.53 9.21 10.09
N LEU A 178 11.25 9.16 9.70
CA LEU A 178 10.86 9.26 8.30
C LEU A 178 10.26 10.63 8.02
N GLU A 179 10.69 11.25 6.93
CA GLU A 179 10.13 12.54 6.54
C GLU A 179 9.38 12.36 5.25
N LEU A 180 8.07 12.56 5.30
CA LEU A 180 7.23 12.41 4.13
C LEU A 180 7.23 13.67 3.29
N GLY A 181 7.71 13.55 2.06
CA GLY A 181 7.76 14.69 1.17
C GLY A 181 7.04 14.42 -0.13
N ASP A 182 5.86 15.01 -0.27
CA ASP A 182 5.09 14.84 -1.49
C ASP A 182 4.85 13.35 -1.80
N GLY A 183 4.26 12.64 -0.83
CA GLY A 183 3.96 11.23 -1.02
C GLY A 183 5.13 10.25 -1.05
N VAL A 184 6.34 10.74 -0.77
CA VAL A 184 7.51 9.87 -0.77
C VAL A 184 8.26 9.97 0.54
N PHE A 185 8.60 8.82 1.11
CA PHE A 185 9.31 8.76 2.38
C PHE A 185 10.82 8.76 2.23
N GLU A 186 11.49 9.35 3.20
CA GLU A 186 12.93 9.40 3.23
C GLU A 186 13.37 9.13 4.66
N VAL A 187 14.34 8.24 4.82
CA VAL A 187 14.85 7.91 6.13
C VAL A 187 15.90 8.93 6.51
N LYS A 188 15.59 9.77 7.50
CA LYS A 188 16.51 10.79 7.97
C LYS A 188 17.48 10.28 9.02
N ALA A 189 16.97 9.39 9.88
CA ALA A 189 17.79 8.85 10.96
C ALA A 189 17.40 7.43 11.34
N THR A 190 18.39 6.71 11.84
CA THR A 190 18.23 5.33 12.27
C THR A 190 19.12 5.13 13.48
N ALA A 191 18.63 4.36 14.45
CA ALA A 191 19.38 4.08 15.67
C ALA A 191 18.69 2.91 16.32
N GLY A 192 19.42 2.16 17.13
CA GLY A 192 18.77 1.06 17.78
C GLY A 192 19.70 0.29 18.68
N ASP A 193 19.23 -0.88 19.07
CA ASP A 193 19.99 -1.78 19.92
C ASP A 193 19.56 -3.13 19.37
N ASN A 194 20.51 -3.87 18.79
CA ASN A 194 20.18 -5.16 18.22
C ASN A 194 20.21 -6.30 19.24
N HIS A 195 20.16 -5.93 20.52
CA HIS A 195 20.12 -6.91 21.59
C HIS A 195 19.21 -6.39 22.69
N LEU A 196 18.06 -5.88 22.25
CA LEU A 196 17.05 -5.34 23.14
C LEU A 196 15.69 -5.70 22.54
N GLY A 197 15.00 -6.66 23.16
CA GLY A 197 13.70 -7.06 22.64
C GLY A 197 12.90 -7.91 23.61
N GLY A 198 11.72 -8.33 23.18
CA GLY A 198 10.87 -9.16 24.02
C GLY A 198 11.56 -10.37 24.65
N ASP A 199 12.55 -10.94 23.96
CA ASP A 199 13.28 -12.09 24.51
C ASP A 199 13.92 -11.71 25.85
N ASP A 200 14.44 -10.49 25.93
CA ASP A 200 15.09 -10.01 27.14
C ASP A 200 14.09 -9.79 28.28
N PHE A 201 12.85 -9.47 27.93
CA PHE A 201 11.79 -9.28 28.92
C PHE A 201 11.34 -10.64 29.46
N ASP A 202 11.32 -11.52 28.73
CA ASP A 202 11.35 -12.93 29.00
C ASP A 202 12.43 -13.41 29.96
N GLN A 203 13.68 -13.12 29.70
CA GLN A 203 14.89 -13.43 30.41
C GLN A 203 14.88 -12.87 31.81
N VAL A 204 14.42 -11.62 31.96
CA VAL A 204 14.13 -11.18 33.35
C VAL A 204 13.18 -12.16 34.00
N ILE A 205 12.16 -12.54 33.60
CA ILE A 205 11.19 -13.37 34.34
C ILE A 205 11.83 -14.73 34.67
N ILE A 206 12.37 -15.38 33.65
CA ILE A 206 13.03 -16.68 33.81
C ILE A 206 14.08 -16.64 34.93
N ASP A 207 14.87 -15.57 34.97
CA ASP A 207 15.91 -15.42 35.98
C ASP A 207 15.32 -15.26 37.38
N TYR A 208 14.25 -14.47 37.51
CA TYR A 208 13.61 -14.26 38.80
C TYR A 208 13.08 -15.59 39.32
N LEU A 209 12.53 -16.40 38.42
CA LEU A 209 11.96 -17.69 38.78
C LEU A 209 12.98 -18.74 39.22
N VAL A 210 14.00 -18.99 38.40
CA VAL A 210 15.00 -20.00 38.75
C VAL A 210 15.78 -19.68 40.00
N ASN A 211 15.79 -18.40 40.39
CA ASN A 211 16.51 -17.98 41.58
C ASN A 211 15.68 -18.25 42.83
N GLN A 212 14.38 -17.99 42.75
CA GLN A 212 13.50 -18.27 43.87
C GLN A 212 13.57 -19.77 44.12
N PHE A 213 13.70 -20.53 43.03
CA PHE A 213 13.79 -21.97 43.11
C PHE A 213 15.18 -22.38 43.61
N LYS A 214 16.21 -21.62 43.22
CA LYS A 214 17.56 -21.91 43.67
C LYS A 214 17.72 -21.68 45.17
N GLN A 215 16.96 -20.73 45.71
CA GLN A 215 17.05 -20.43 47.14
C GLN A 215 16.04 -21.20 47.98
N GLU A 216 15.05 -21.82 47.33
CA GLU A 216 14.03 -22.57 48.06
C GLU A 216 14.24 -24.07 48.01
N HIS A 217 15.07 -24.54 47.09
CA HIS A 217 15.33 -25.98 46.96
C HIS A 217 16.79 -26.28 46.64
N GLY A 218 17.57 -25.24 46.39
CA GLY A 218 18.98 -25.44 46.07
C GLY A 218 19.19 -26.08 44.71
N ILE A 219 18.15 -26.05 43.89
CA ILE A 219 18.23 -26.62 42.55
C ILE A 219 18.20 -25.51 41.49
N ASP A 220 19.06 -25.64 40.49
CA ASP A 220 19.16 -24.67 39.41
C ASP A 220 18.51 -25.27 38.16
N LEU A 221 17.27 -24.88 37.92
CA LEU A 221 16.51 -25.37 36.78
C LEU A 221 17.12 -24.99 35.42
N SER A 222 17.88 -23.91 35.38
CA SER A 222 18.50 -23.49 34.13
C SER A 222 19.52 -24.52 33.65
N LYS A 223 19.66 -25.61 34.41
CA LYS A 223 20.60 -26.66 34.04
C LYS A 223 19.89 -27.86 33.41
N ASP A 224 18.57 -27.83 33.43
CA ASP A 224 17.76 -28.89 32.83
C ASP A 224 17.02 -28.33 31.62
N LYS A 225 17.44 -28.73 30.43
CA LYS A 225 16.82 -28.27 29.19
C LYS A 225 15.30 -28.36 29.19
N MET A 226 14.77 -29.50 29.63
CA MET A 226 13.33 -29.71 29.65
C MET A 226 12.62 -28.76 30.61
N ALA A 227 13.27 -28.45 31.73
CA ALA A 227 12.70 -27.53 32.69
C ALA A 227 12.80 -26.11 32.15
N LEU A 228 13.94 -25.80 31.52
CA LEU A 228 14.16 -24.47 30.97
C LEU A 228 13.16 -24.16 29.86
N GLN A 229 12.97 -25.12 28.94
CA GLN A 229 12.01 -24.95 27.85
C GLN A 229 10.62 -24.65 28.40
N ARG A 230 10.28 -25.26 29.53
CA ARG A 230 8.98 -25.08 30.17
C ARG A 230 8.94 -23.69 30.79
N LEU A 231 10.09 -23.24 31.29
CA LEU A 231 10.24 -21.92 31.91
C LEU A 231 10.13 -20.82 30.84
N LYS A 232 10.86 -20.99 29.75
CA LYS A 232 10.86 -20.03 28.65
C LYS A 232 9.43 -19.83 28.17
N ASP A 233 8.77 -20.93 27.82
CA ASP A 233 7.40 -20.86 27.33
C ASP A 233 6.47 -20.17 28.33
N ALA A 234 6.60 -20.51 29.62
CA ALA A 234 5.74 -19.91 30.64
C ALA A 234 6.07 -18.45 30.95
N ALA A 235 7.35 -18.08 30.82
CA ALA A 235 7.74 -16.69 31.08
C ALA A 235 7.19 -15.78 29.99
N GLU A 236 7.14 -16.28 28.76
CA GLU A 236 6.61 -15.48 27.65
C GLU A 236 5.09 -15.37 27.76
N LYS A 237 4.43 -16.49 28.02
CA LYS A 237 2.97 -16.48 28.15
C LYS A 237 2.50 -15.55 29.29
N ALA A 238 3.27 -15.48 30.38
CA ALA A 238 2.92 -14.62 31.51
C ALA A 238 3.16 -13.15 31.18
N LYS A 239 4.23 -12.86 30.45
CA LYS A 239 4.55 -11.49 30.05
C LYS A 239 3.40 -10.91 29.22
N LYS A 240 2.95 -11.69 28.26
CA LYS A 240 1.86 -11.26 27.39
C LYS A 240 0.58 -10.98 28.16
N GLU A 241 0.18 -11.93 29.00
CA GLU A 241 -1.03 -11.74 29.79
C GLU A 241 -0.93 -10.48 30.65
N LEU A 242 0.27 -10.14 31.11
CA LEU A 242 0.48 -8.94 31.93
C LEU A 242 0.33 -7.63 31.14
N SER A 243 0.03 -7.73 29.85
CA SER A 243 -0.16 -6.54 29.02
C SER A 243 -1.61 -6.09 29.06
N GLY A 244 -2.51 -6.99 29.47
CA GLY A 244 -3.91 -6.65 29.54
C GLY A 244 -4.52 -6.99 30.90
N VAL A 245 -3.69 -7.49 31.81
CA VAL A 245 -4.14 -7.87 33.13
C VAL A 245 -3.01 -7.53 34.10
N THR A 246 -3.33 -7.18 35.34
CA THR A 246 -2.28 -6.78 36.30
C THR A 246 -1.73 -7.90 37.17
N GLN A 247 -2.31 -9.09 37.06
CA GLN A 247 -1.87 -10.21 37.89
C GLN A 247 -1.93 -11.49 37.09
N THR A 248 -0.97 -12.37 37.28
CA THR A 248 -1.02 -13.64 36.55
C THR A 248 -0.31 -14.78 37.27
N GLN A 249 -0.74 -16.00 36.96
CA GLN A 249 -0.18 -17.21 37.57
C GLN A 249 0.80 -18.00 36.70
N ILE A 250 2.03 -18.18 37.19
CA ILE A 250 3.00 -19.01 36.49
C ILE A 250 2.88 -20.33 37.24
N SER A 251 2.29 -21.32 36.58
CA SER A 251 2.09 -22.64 37.19
C SER A 251 2.87 -23.75 36.47
N LEU A 252 3.90 -24.27 37.14
CA LEU A 252 4.76 -25.32 36.58
C LEU A 252 4.83 -26.57 37.48
N PRO A 253 3.78 -27.41 37.47
CA PRO A 253 3.82 -28.61 38.32
C PRO A 253 4.84 -29.62 37.83
N PHE A 254 5.33 -30.46 38.75
CA PHE A 254 6.29 -31.50 38.39
C PHE A 254 7.45 -30.90 37.60
N ILE A 255 7.90 -29.73 38.02
CA ILE A 255 8.99 -29.04 37.34
C ILE A 255 10.34 -29.70 37.59
N SER A 256 10.54 -30.22 38.80
CA SER A 256 11.80 -30.88 39.16
C SER A 256 11.54 -32.01 40.17
N ALA A 257 12.56 -32.38 40.93
CA ALA A 257 12.42 -33.43 41.93
C ALA A 257 13.63 -33.55 42.86
N ASN A 258 13.38 -33.88 44.12
CA ASN A 258 14.44 -34.04 45.11
C ASN A 258 14.29 -35.37 45.85
N GLU A 259 14.89 -35.45 47.03
CA GLU A 259 14.83 -36.65 47.84
C GLU A 259 13.40 -37.00 48.27
N ASN A 260 12.59 -35.99 48.55
CA ASN A 260 11.22 -36.19 49.00
C ASN A 260 10.21 -36.31 47.87
N GLY A 261 10.69 -36.33 46.62
CA GLY A 261 9.78 -36.46 45.49
C GLY A 261 9.66 -35.24 44.58
N PRO A 262 8.54 -35.10 43.86
CA PRO A 262 8.25 -34.00 42.94
C PRO A 262 8.20 -32.61 43.55
N LEU A 263 8.74 -31.64 42.81
CA LEU A 263 8.75 -30.24 43.23
C LEU A 263 7.92 -29.45 42.22
N HIS A 264 7.06 -28.56 42.72
CA HIS A 264 6.21 -27.76 41.87
C HIS A 264 6.48 -26.27 42.03
N LEU A 265 6.52 -25.55 40.91
CA LEU A 265 6.76 -24.13 40.94
C LEU A 265 5.45 -23.40 40.68
N GLU A 266 4.95 -22.71 41.69
CA GLU A 266 3.70 -21.96 41.58
C GLU A 266 3.98 -20.61 42.18
N MET A 267 3.51 -19.55 41.52
CA MET A 267 3.73 -18.21 42.02
C MET A 267 2.98 -17.24 41.14
N THR A 268 2.43 -16.20 41.75
CA THR A 268 1.69 -15.19 41.03
C THR A 268 2.63 -14.01 40.76
N LEU A 269 2.64 -13.53 39.53
CA LEU A 269 3.50 -12.42 39.14
C LEU A 269 2.63 -11.23 38.77
N THR A 270 2.88 -10.09 39.40
CA THR A 270 2.10 -8.90 39.14
C THR A 270 2.78 -8.02 38.11
N ARG A 271 2.01 -7.11 37.53
CA ARG A 271 2.53 -6.18 36.55
C ARG A 271 3.64 -5.40 37.24
N ALA A 272 3.34 -4.88 38.42
CA ALA A 272 4.29 -4.10 39.22
C ALA A 272 5.62 -4.81 39.41
N LYS A 273 5.57 -6.08 39.76
CA LYS A 273 6.81 -6.84 39.95
C LYS A 273 7.53 -7.01 38.60
N PHE A 274 6.77 -7.29 37.54
CA PHE A 274 7.37 -7.47 36.22
C PHE A 274 8.00 -6.16 35.75
N GLU A 275 7.28 -5.05 35.90
CA GLU A 275 7.78 -3.75 35.50
C GLU A 275 9.06 -3.41 36.26
N GLU A 276 9.09 -3.80 37.53
CA GLU A 276 10.25 -3.55 38.38
C GLU A 276 11.46 -4.31 37.83
N LEU A 277 11.26 -5.59 37.53
CA LEU A 277 12.32 -6.45 37.01
C LEU A 277 12.85 -6.01 35.65
N SER A 278 12.00 -5.36 34.87
CA SER A 278 12.39 -4.95 33.52
C SER A 278 12.51 -3.44 33.27
N ALA A 279 12.54 -2.66 34.34
CA ALA A 279 12.63 -1.21 34.22
C ALA A 279 13.89 -0.74 33.50
N HIS A 280 14.99 -1.46 33.71
CA HIS A 280 16.25 -1.10 33.06
C HIS A 280 16.17 -1.33 31.55
N LEU A 281 15.47 -2.38 31.16
CA LEU A 281 15.30 -2.73 29.76
C LEU A 281 14.55 -1.59 29.07
N VAL A 282 13.51 -1.09 29.73
CA VAL A 282 12.70 0.00 29.19
C VAL A 282 13.48 1.31 29.04
N GLU A 283 14.46 1.53 29.91
CA GLU A 283 15.26 2.75 29.86
C GLU A 283 16.34 2.67 28.78
N ARG A 284 16.80 1.46 28.47
CA ARG A 284 17.82 1.26 27.45
C ARG A 284 17.24 1.62 26.10
N THR A 285 15.93 1.76 26.08
CA THR A 285 15.16 2.09 24.89
C THR A 285 15.16 3.58 24.57
N MET A 286 15.48 4.41 25.56
CA MET A 286 15.47 5.87 25.40
C MET A 286 16.69 6.41 24.67
N GLY A 287 17.86 5.86 24.96
CA GLY A 287 19.07 6.33 24.31
C GLY A 287 18.94 6.37 22.80
N PRO A 288 18.64 5.23 22.15
CA PRO A 288 18.51 5.20 20.69
C PRO A 288 17.50 6.22 20.16
N VAL A 289 16.48 6.52 20.95
CA VAL A 289 15.48 7.50 20.53
C VAL A 289 16.10 8.88 20.48
N ARG A 290 16.95 9.18 21.46
CA ARG A 290 17.61 10.49 21.51
C ARG A 290 18.71 10.60 20.46
N GLN A 291 19.50 9.55 20.29
CA GLN A 291 20.58 9.56 19.32
C GLN A 291 20.03 9.76 17.91
N ALA A 292 18.87 9.17 17.65
CA ALA A 292 18.24 9.30 16.35
C ALA A 292 17.74 10.72 16.12
N LEU A 293 17.31 11.38 17.19
CA LEU A 293 16.83 12.76 17.07
C LEU A 293 18.03 13.67 16.81
N GLN A 294 19.13 13.37 17.49
CA GLN A 294 20.36 14.14 17.35
C GLN A 294 20.85 14.03 15.91
N ASP A 295 20.95 12.80 15.40
CA ASP A 295 21.41 12.57 14.03
C ASP A 295 20.58 13.30 12.99
N ALA A 296 19.28 13.41 13.25
CA ALA A 296 18.39 14.07 12.31
C ALA A 296 18.32 15.58 12.55
N GLY A 297 18.93 16.03 13.65
CA GLY A 297 18.91 17.44 13.98
C GLY A 297 17.51 17.87 14.36
N LEU A 298 16.83 16.99 15.10
CA LEU A 298 15.46 17.24 15.52
C LEU A 298 15.27 17.24 17.04
N THR A 299 14.08 17.66 17.46
CA THR A 299 13.68 17.68 18.86
C THR A 299 12.27 17.09 18.85
N PRO A 300 11.84 16.50 19.97
CA PRO A 300 10.50 15.90 20.03
C PRO A 300 9.39 16.74 19.39
N ALA A 301 9.60 18.05 19.30
CA ALA A 301 8.60 18.96 18.72
C ALA A 301 8.50 18.84 17.20
N ASP A 302 9.59 18.43 16.57
CA ASP A 302 9.62 18.29 15.11
C ASP A 302 8.93 17.01 14.65
N ILE A 303 8.63 16.11 15.58
CA ILE A 303 7.96 14.86 15.21
C ILE A 303 6.44 15.04 15.26
N ASP A 304 5.80 14.92 14.12
CA ASP A 304 4.35 15.07 14.05
C ASP A 304 3.65 13.77 14.44
N LYS A 305 4.32 12.65 14.21
CA LYS A 305 3.71 11.36 14.49
C LYS A 305 4.68 10.30 14.99
N VAL A 306 4.26 9.57 16.02
CA VAL A 306 5.05 8.49 16.59
C VAL A 306 4.28 7.20 16.27
N ILE A 307 4.94 6.25 15.61
CA ILE A 307 4.30 5.00 15.24
C ILE A 307 4.94 3.83 16.00
N LEU A 308 4.12 2.92 16.50
CA LEU A 308 4.61 1.75 17.24
C LEU A 308 4.60 0.49 16.40
N VAL A 309 5.70 -0.24 16.43
CA VAL A 309 5.85 -1.47 15.69
C VAL A 309 6.47 -2.51 16.60
N GLY A 310 6.06 -3.77 16.45
CA GLY A 310 6.63 -4.81 17.28
C GLY A 310 5.71 -5.27 18.38
N GLY A 311 5.67 -6.58 18.61
CA GLY A 311 4.81 -7.13 19.64
C GLY A 311 5.12 -6.64 21.05
N SER A 312 6.39 -6.33 21.34
CA SER A 312 6.78 -5.87 22.67
C SER A 312 6.29 -4.45 22.92
N THR A 313 5.78 -3.82 21.88
CA THR A 313 5.28 -2.47 21.99
C THR A 313 3.94 -2.49 22.74
N ARG A 314 3.35 -3.68 22.88
CA ARG A 314 2.09 -3.87 23.58
C ARG A 314 2.25 -3.75 25.10
N ILE A 315 3.50 -3.81 25.57
CA ILE A 315 3.80 -3.70 26.99
C ILE A 315 3.41 -2.32 27.51
N PRO A 316 2.51 -2.26 28.51
CA PRO A 316 2.09 -0.96 29.06
C PRO A 316 3.24 -0.02 29.45
N ALA A 317 4.25 -0.52 30.14
CA ALA A 317 5.37 0.31 30.57
C ALA A 317 6.16 0.87 29.39
N VAL A 318 6.20 0.12 28.29
CA VAL A 318 6.91 0.57 27.10
C VAL A 318 6.20 1.74 26.43
N GLN A 319 4.88 1.67 26.33
CA GLN A 319 4.11 2.76 25.72
C GLN A 319 4.16 4.04 26.54
N GLU A 320 4.19 3.89 27.86
CA GLU A 320 4.23 5.02 28.77
C GLU A 320 5.61 5.69 28.71
N ALA A 321 6.65 4.90 28.46
CA ALA A 321 7.99 5.45 28.39
C ALA A 321 8.21 6.36 27.17
N ILE A 322 7.73 5.97 25.99
CA ILE A 322 7.90 6.83 24.81
C ILE A 322 6.89 7.97 24.82
N LYS A 323 5.77 7.76 25.51
CA LYS A 323 4.75 8.79 25.62
C LYS A 323 5.41 9.93 26.41
N ARG A 324 6.10 9.58 27.49
CA ARG A 324 6.76 10.56 28.33
C ARG A 324 8.00 11.19 27.69
N GLU A 325 8.75 10.40 26.94
CA GLU A 325 9.97 10.88 26.28
C GLU A 325 9.72 11.89 25.17
N LEU A 326 8.67 11.66 24.40
CA LEU A 326 8.36 12.53 23.28
C LEU A 326 7.21 13.49 23.53
N GLY A 327 6.42 13.23 24.56
CA GLY A 327 5.30 14.11 24.87
C GLY A 327 4.19 14.00 23.84
N LYS A 328 4.13 12.88 23.14
CA LYS A 328 3.09 12.66 22.15
C LYS A 328 2.43 11.31 22.39
N GLU A 329 1.15 11.21 22.04
CA GLU A 329 0.39 9.98 22.21
C GLU A 329 0.69 9.07 21.00
N PRO A 330 1.37 7.94 21.22
CA PRO A 330 1.73 7.00 20.17
C PRO A 330 0.56 6.41 19.40
N HIS A 331 0.83 6.10 18.12
CA HIS A 331 -0.20 5.48 17.27
C HIS A 331 0.06 3.95 17.27
N LYS A 332 -1.00 3.29 17.64
CA LYS A 332 -1.14 1.84 17.79
C LYS A 332 -2.36 1.31 17.06
N GLY A 333 -2.96 2.17 16.22
CA GLY A 333 -4.16 1.87 15.45
C GLY A 333 -4.14 0.56 14.67
N VAL A 334 -2.99 0.19 14.10
CA VAL A 334 -2.94 -1.08 13.41
C VAL A 334 -2.04 -2.04 14.18
N ASN A 335 -2.50 -3.29 14.26
CA ASN A 335 -1.81 -4.36 14.97
C ASN A 335 -0.30 -4.30 14.79
N PRO A 336 0.43 -3.97 15.87
CA PRO A 336 1.89 -3.86 15.85
C PRO A 336 2.65 -5.14 15.48
N ASP A 337 1.98 -6.28 15.53
CA ASP A 337 2.63 -7.55 15.17
C ASP A 337 2.48 -7.78 13.66
N GLU A 338 1.54 -7.09 13.04
CA GLU A 338 1.27 -7.28 11.62
C GLU A 338 1.48 -6.07 10.74
N VAL A 339 1.69 -4.92 11.36
CA VAL A 339 1.83 -3.68 10.64
C VAL A 339 2.83 -3.66 9.47
N VAL A 340 3.97 -4.30 9.65
CA VAL A 340 5.00 -4.35 8.61
C VAL A 340 4.54 -5.17 7.41
N ALA A 341 4.02 -6.36 7.66
CA ALA A 341 3.52 -7.23 6.58
C ALA A 341 2.36 -6.57 5.85
N ILE A 342 1.53 -5.80 6.57
CA ILE A 342 0.38 -5.13 5.95
C ILE A 342 0.85 -4.04 4.97
N GLY A 343 1.89 -3.31 5.35
CA GLY A 343 2.43 -2.28 4.49
C GLY A 343 3.09 -2.89 3.25
N ALA A 344 3.63 -4.09 3.41
CA ALA A 344 4.28 -4.79 2.30
C ALA A 344 3.24 -5.29 1.30
N ALA A 345 2.07 -5.68 1.80
CA ALA A 345 1.00 -6.17 0.94
C ALA A 345 0.33 -5.01 0.20
N ILE A 346 0.37 -3.81 0.77
CA ILE A 346 -0.21 -2.65 0.10
C ILE A 346 0.70 -2.34 -1.10
N GLN A 347 2.01 -2.33 -0.86
CA GLN A 347 2.97 -2.08 -1.93
C GLN A 347 2.85 -3.16 -3.00
N GLY A 348 2.54 -4.38 -2.56
CA GLY A 348 2.38 -5.47 -3.50
C GLY A 348 1.18 -5.26 -4.39
N GLY A 349 0.10 -4.79 -3.78
CA GLY A 349 -1.12 -4.53 -4.52
C GLY A 349 -0.91 -3.41 -5.52
N VAL A 350 -0.16 -2.39 -5.11
CA VAL A 350 0.13 -1.26 -5.98
C VAL A 350 0.93 -1.72 -7.19
N ILE A 351 1.92 -2.58 -6.98
CA ILE A 351 2.74 -3.09 -8.08
C ILE A 351 1.86 -3.94 -9.02
N ALA A 352 1.08 -4.82 -8.42
CA ALA A 352 0.20 -5.73 -9.16
C ALA A 352 -0.95 -5.00 -9.82
N GLY A 353 -1.26 -3.80 -9.34
CA GLY A 353 -2.36 -3.04 -9.89
C GLY A 353 -2.04 -2.18 -11.09
N GLU A 354 -0.79 -2.23 -11.56
CA GLU A 354 -0.40 -1.42 -12.72
C GLU A 354 -1.01 -1.97 -14.00
N VAL A 355 -1.77 -1.13 -14.70
CA VAL A 355 -2.38 -1.52 -15.96
C VAL A 355 -1.76 -0.65 -17.04
N LYS A 356 -1.44 -1.25 -18.17
CA LYS A 356 -0.86 -0.54 -19.31
C LYS A 356 -1.67 -0.81 -20.58
N ASP A 357 -2.86 -1.38 -20.40
CA ASP A 357 -3.72 -1.73 -21.52
C ASP A 357 -4.47 -0.54 -22.12
N VAL A 358 -4.57 -0.54 -23.45
CA VAL A 358 -5.27 0.52 -24.15
C VAL A 358 -6.69 0.07 -24.46
N VAL A 359 -7.60 1.03 -24.49
CA VAL A 359 -9.00 0.76 -24.78
C VAL A 359 -9.37 1.60 -25.99
N LEU A 360 -10.08 1.01 -26.93
CA LEU A 360 -10.50 1.75 -28.10
C LEU A 360 -11.58 2.73 -27.67
N LEU A 361 -11.61 3.91 -28.29
CA LEU A 361 -12.67 4.86 -27.98
C LEU A 361 -13.00 5.67 -29.22
N ASP A 362 -14.28 5.69 -29.56
CA ASP A 362 -14.71 6.44 -30.73
C ASP A 362 -14.71 7.91 -30.39
N VAL A 363 -14.20 8.71 -31.31
CA VAL A 363 -14.13 10.16 -31.15
C VAL A 363 -14.57 10.76 -32.47
N THR A 364 -14.99 12.02 -32.41
CA THR A 364 -15.43 12.73 -33.60
C THR A 364 -14.21 12.95 -34.51
N PRO A 365 -14.29 12.51 -35.78
CA PRO A 365 -13.23 12.65 -36.78
C PRO A 365 -12.92 14.05 -37.28
N LEU A 366 -13.92 14.94 -37.27
CA LEU A 366 -13.73 16.32 -37.72
C LEU A 366 -14.66 17.24 -36.95
N SER A 367 -14.33 18.52 -36.93
CA SER A 367 -15.17 19.47 -36.23
C SER A 367 -16.52 19.57 -36.94
N LEU A 368 -17.59 19.57 -36.14
CA LEU A 368 -18.95 19.66 -36.66
C LEU A 368 -19.52 21.02 -36.31
N GLY A 369 -20.25 21.61 -37.24
CA GLY A 369 -20.81 22.92 -36.98
C GLY A 369 -21.98 23.34 -37.85
N ILE A 370 -22.13 24.65 -37.96
CA ILE A 370 -23.22 25.26 -38.69
C ILE A 370 -22.73 26.56 -39.31
N GLU A 371 -23.25 26.90 -40.48
CA GLU A 371 -22.84 28.15 -41.12
C GLU A 371 -23.45 29.33 -40.38
N THR A 372 -22.66 30.39 -40.24
CA THR A 372 -23.07 31.60 -39.55
C THR A 372 -22.87 32.84 -40.41
N MET A 373 -23.66 33.88 -40.14
CA MET A 373 -23.58 35.14 -40.89
C MET A 373 -22.21 35.50 -41.47
N GLY A 374 -22.19 35.74 -42.78
CA GLY A 374 -20.95 36.11 -43.43
C GLY A 374 -20.14 34.95 -44.00
N GLY A 375 -20.76 33.80 -44.15
CA GLY A 375 -20.06 32.64 -44.69
C GLY A 375 -19.06 32.00 -43.74
N VAL A 376 -19.11 32.36 -42.46
CA VAL A 376 -18.19 31.80 -41.48
C VAL A 376 -18.71 30.50 -40.87
N PHE A 377 -17.80 29.57 -40.60
CA PHE A 377 -18.12 28.27 -40.01
C PHE A 377 -18.06 28.36 -38.49
N THR A 378 -19.19 28.09 -37.83
CA THR A 378 -19.26 28.11 -36.38
C THR A 378 -19.41 26.68 -35.87
N LYS A 379 -18.38 26.22 -35.17
CA LYS A 379 -18.32 24.86 -34.63
C LYS A 379 -19.04 24.68 -33.30
N LEU A 380 -19.70 23.54 -33.15
CA LEU A 380 -20.39 23.24 -31.91
C LEU A 380 -19.70 22.07 -31.19
N ILE A 381 -19.21 21.09 -31.96
CA ILE A 381 -18.53 19.91 -31.42
C ILE A 381 -17.16 19.71 -32.08
N GLU A 382 -16.10 20.05 -31.34
CA GLU A 382 -14.72 19.94 -31.83
C GLU A 382 -14.25 18.55 -32.28
N ARG A 383 -13.21 18.54 -33.10
CA ARG A 383 -12.63 17.30 -33.60
C ARG A 383 -12.03 16.53 -32.43
N ASN A 384 -12.19 15.21 -32.48
CA ASN A 384 -11.69 14.31 -31.45
C ASN A 384 -12.46 14.41 -30.13
N THR A 385 -13.78 14.58 -30.25
CA THR A 385 -14.63 14.63 -29.08
C THR A 385 -15.18 13.22 -28.95
N THR A 386 -15.27 12.73 -27.72
CA THR A 386 -15.73 11.37 -27.49
C THR A 386 -17.23 11.22 -27.62
N ILE A 387 -17.64 10.21 -28.38
CA ILE A 387 -19.06 9.94 -28.56
C ILE A 387 -19.48 8.77 -27.67
N PRO A 388 -20.74 8.76 -27.23
CA PRO A 388 -21.79 9.75 -27.53
C PRO A 388 -21.48 11.13 -26.94
N THR A 389 -22.01 12.17 -27.57
CA THR A 389 -21.82 13.53 -27.11
C THR A 389 -23.02 14.35 -27.57
N SER A 390 -23.28 15.44 -26.86
CA SER A 390 -24.41 16.30 -27.19
C SER A 390 -24.05 17.73 -26.84
N LYS A 391 -24.15 18.62 -27.81
CA LYS A 391 -23.84 20.02 -27.60
C LYS A 391 -24.96 20.92 -28.09
N SER A 392 -25.23 21.99 -27.34
CA SER A 392 -26.26 22.94 -27.66
C SER A 392 -25.70 24.35 -27.60
N GLN A 393 -26.06 25.16 -28.59
CA GLN A 393 -25.62 26.55 -28.66
C GLN A 393 -26.88 27.33 -29.03
N VAL A 394 -27.01 28.55 -28.51
CA VAL A 394 -28.17 29.35 -28.84
C VAL A 394 -27.74 30.35 -29.89
N PHE A 395 -28.51 30.44 -30.97
CA PHE A 395 -28.21 31.38 -32.04
C PHE A 395 -29.38 32.33 -32.19
N THR A 396 -29.15 33.44 -32.87
CA THR A 396 -30.24 34.39 -33.06
C THR A 396 -30.38 34.82 -34.51
N THR A 397 -31.36 35.69 -34.74
CA THR A 397 -31.71 36.22 -36.04
C THR A 397 -30.75 37.34 -36.46
N ALA A 398 -30.50 37.46 -37.76
CA ALA A 398 -29.56 38.47 -38.30
C ALA A 398 -30.22 39.78 -38.67
N ALA A 399 -31.49 39.66 -39.05
CA ALA A 399 -32.22 40.91 -39.43
C ALA A 399 -33.57 41.04 -38.79
N ASP A 400 -33.92 42.08 -38.60
CA ASP A 400 -35.15 42.46 -37.93
C ASP A 400 -36.31 41.86 -38.69
N ASN A 401 -37.13 41.09 -38.05
CA ASN A 401 -38.24 40.44 -38.61
C ASN A 401 -38.12 39.12 -39.26
N GLN A 402 -36.99 38.46 -39.22
CA GLN A 402 -36.89 37.11 -39.65
C GLN A 402 -37.97 36.25 -38.97
N THR A 403 -38.42 35.39 -39.75
CA THR A 403 -39.44 34.38 -39.68
C THR A 403 -38.81 32.99 -39.66
N THR A 404 -37.66 33.07 -40.31
CA THR A 404 -37.04 31.78 -40.69
C THR A 404 -35.54 31.82 -40.56
N VAL A 405 -34.97 30.71 -40.28
CA VAL A 405 -33.52 30.55 -40.16
C VAL A 405 -33.13 29.29 -40.91
N ASP A 406 -32.03 29.38 -41.66
CA ASP A 406 -31.55 28.25 -42.44
C ASP A 406 -30.41 27.56 -41.70
N ILE A 407 -30.63 26.32 -41.28
CA ILE A 407 -29.60 25.60 -40.57
C ILE A 407 -28.79 24.75 -41.55
N HIS A 408 -27.58 25.21 -41.80
CA HIS A 408 -26.66 24.53 -42.71
C HIS A 408 -25.56 23.84 -41.91
N VAL A 409 -25.64 22.52 -41.75
CA VAL A 409 -24.63 21.81 -40.99
C VAL A 409 -23.41 21.42 -41.82
N LEU A 410 -22.23 21.79 -41.31
CA LEU A 410 -20.97 21.55 -41.97
C LEU A 410 -19.97 20.71 -41.14
N GLN A 411 -19.01 20.12 -41.83
CA GLN A 411 -17.98 19.28 -41.19
C GLN A 411 -16.61 19.67 -41.76
N GLY A 412 -15.70 20.13 -40.90
CA GLY A 412 -14.38 20.52 -41.37
C GLY A 412 -13.55 21.21 -40.30
N GLU A 413 -12.51 21.93 -40.71
CA GLU A 413 -11.63 22.62 -39.76
C GLU A 413 -11.32 24.08 -40.09
N ARG A 414 -11.60 24.50 -41.32
CA ARG A 414 -11.31 25.87 -41.74
C ARG A 414 -12.41 26.87 -41.32
N PRO A 415 -12.07 28.17 -41.20
CA PRO A 415 -13.01 29.21 -40.77
C PRO A 415 -14.19 29.57 -41.67
N MET A 416 -14.01 29.55 -42.99
CA MET A 416 -15.11 29.90 -43.88
C MET A 416 -15.88 28.66 -44.32
N ALA A 417 -17.19 28.70 -44.15
CA ALA A 417 -18.05 27.58 -44.51
C ALA A 417 -17.76 27.00 -45.89
N ALA A 418 -17.41 27.87 -46.83
CA ALA A 418 -17.13 27.45 -48.20
C ALA A 418 -16.00 26.43 -48.34
N ASP A 419 -15.10 26.38 -47.36
CA ASP A 419 -13.97 25.45 -47.41
C ASP A 419 -14.25 24.10 -46.75
N ASN A 420 -15.44 23.94 -46.19
CA ASN A 420 -15.79 22.70 -45.51
C ASN A 420 -16.81 21.84 -46.25
N LYS A 421 -17.03 20.64 -45.73
CA LYS A 421 -17.98 19.69 -46.30
C LYS A 421 -19.40 19.99 -45.84
N SER A 422 -20.33 20.00 -46.78
CA SER A 422 -21.74 20.27 -46.48
C SER A 422 -22.38 18.94 -46.08
N LEU A 423 -22.97 18.88 -44.89
CA LEU A 423 -23.58 17.64 -44.41
C LEU A 423 -25.09 17.56 -44.54
N GLY A 424 -25.73 18.72 -44.68
CA GLY A 424 -27.16 18.73 -44.81
C GLY A 424 -27.73 20.10 -44.57
N ARG A 425 -29.04 20.24 -44.77
CA ARG A 425 -29.68 21.53 -44.58
C ARG A 425 -31.16 21.37 -44.28
N PHE A 426 -31.67 22.26 -43.45
CA PHE A 426 -33.08 22.29 -43.11
C PHE A 426 -33.33 23.69 -42.61
N GLN A 427 -34.60 24.06 -42.43
CA GLN A 427 -34.90 25.40 -41.99
C GLN A 427 -36.00 25.41 -40.95
N LEU A 428 -35.93 26.36 -40.03
CA LEU A 428 -36.95 26.48 -39.01
C LEU A 428 -37.78 27.68 -39.44
N THR A 429 -39.08 27.49 -39.54
CA THR A 429 -39.96 28.57 -39.97
C THR A 429 -40.99 28.96 -38.92
N GLY A 430 -41.56 30.15 -39.07
CA GLY A 430 -42.57 30.61 -38.15
C GLY A 430 -42.07 31.33 -36.90
N ILE A 431 -40.91 31.96 -37.01
CA ILE A 431 -40.37 32.67 -35.86
C ILE A 431 -41.11 33.99 -35.70
N PRO A 432 -41.76 34.19 -34.54
CA PRO A 432 -42.49 35.43 -34.29
C PRO A 432 -41.64 36.64 -34.65
N PRO A 433 -42.23 37.64 -35.34
CA PRO A 433 -41.47 38.83 -35.71
C PRO A 433 -40.90 39.55 -34.50
N ALA A 434 -39.63 39.91 -34.57
CA ALA A 434 -38.96 40.60 -33.48
C ALA A 434 -37.72 41.34 -34.01
N PRO A 435 -37.13 42.22 -33.19
CA PRO A 435 -35.93 42.94 -33.64
C PRO A 435 -34.82 41.94 -33.93
N ARG A 436 -33.80 42.38 -34.66
CA ARG A 436 -32.68 41.50 -34.97
C ARG A 436 -32.10 41.03 -33.64
N GLY A 437 -31.43 39.88 -33.66
CA GLY A 437 -30.81 39.35 -32.46
C GLY A 437 -31.65 39.16 -31.19
N VAL A 438 -32.97 39.18 -31.31
CA VAL A 438 -33.81 38.98 -30.13
C VAL A 438 -34.30 37.54 -29.95
N PRO A 439 -34.74 36.86 -31.03
CA PRO A 439 -35.22 35.47 -30.94
C PRO A 439 -34.11 34.46 -30.66
N GLN A 440 -34.49 33.42 -29.91
CA GLN A 440 -33.51 32.46 -29.41
C GLN A 440 -33.72 31.08 -29.99
N ILE A 441 -32.86 30.73 -30.92
CA ILE A 441 -32.98 29.39 -31.53
C ILE A 441 -31.86 28.52 -30.96
N GLU A 442 -32.22 27.48 -30.26
CA GLU A 442 -31.25 26.57 -29.69
C GLU A 442 -31.01 25.44 -30.66
N VAL A 443 -29.78 25.29 -31.15
CA VAL A 443 -29.54 24.16 -32.04
C VAL A 443 -28.67 23.18 -31.27
N THR A 444 -29.11 21.93 -31.20
CA THR A 444 -28.36 20.91 -30.50
C THR A 444 -27.96 19.77 -31.43
N PHE A 445 -26.68 19.40 -31.37
CA PHE A 445 -26.13 18.31 -32.15
C PHE A 445 -26.10 17.11 -31.22
N ASP A 446 -26.67 15.99 -31.63
CA ASP A 446 -26.63 14.81 -30.79
C ASP A 446 -26.02 13.67 -31.58
N ILE A 447 -24.94 13.12 -31.06
CA ILE A 447 -24.26 12.02 -31.73
C ILE A 447 -24.41 10.79 -30.87
N ASP A 448 -24.90 9.71 -31.45
CA ASP A 448 -25.06 8.49 -30.68
C ASP A 448 -23.76 7.69 -30.78
N ALA A 449 -23.67 6.62 -30.01
CA ALA A 449 -22.47 5.79 -29.98
C ALA A 449 -22.00 5.23 -31.31
N ASN A 450 -22.82 5.35 -32.34
CA ASN A 450 -22.47 4.78 -33.65
C ASN A 450 -21.95 5.86 -34.59
N GLY A 451 -21.78 7.06 -34.06
CA GLY A 451 -21.25 8.16 -34.86
C GLY A 451 -22.25 8.97 -35.67
N ILE A 452 -23.53 8.62 -35.59
CA ILE A 452 -24.53 9.36 -36.35
C ILE A 452 -24.98 10.61 -35.61
N VAL A 453 -24.95 11.75 -36.31
CA VAL A 453 -25.34 13.01 -35.70
C VAL A 453 -26.74 13.46 -36.09
N HIS A 454 -27.46 13.99 -35.10
CA HIS A 454 -28.82 14.48 -35.29
C HIS A 454 -28.84 15.94 -34.87
N VAL A 455 -29.29 16.81 -35.77
CA VAL A 455 -29.35 18.23 -35.50
C VAL A 455 -30.77 18.72 -35.30
N ARG A 456 -30.98 19.50 -34.26
CA ARG A 456 -32.29 20.06 -33.97
C ARG A 456 -32.19 21.56 -33.79
N ALA A 457 -33.18 22.29 -34.29
CA ALA A 457 -33.24 23.74 -34.15
C ALA A 457 -34.55 23.97 -33.41
N LYS A 458 -34.49 24.69 -32.30
CA LYS A 458 -35.69 24.91 -31.51
C LYS A 458 -35.84 26.36 -31.08
N ASP A 459 -37.00 26.94 -31.39
CA ASP A 459 -37.31 28.32 -31.00
C ASP A 459 -37.65 28.24 -29.52
N LEU A 460 -36.78 28.77 -28.68
CA LEU A 460 -37.01 28.70 -27.24
C LEU A 460 -38.25 29.41 -26.72
N GLY A 461 -38.70 30.43 -27.44
CA GLY A 461 -39.88 31.15 -27.00
C GLY A 461 -41.14 30.48 -27.49
N THR A 462 -41.04 29.80 -28.62
CA THR A 462 -42.19 29.13 -29.23
C THR A 462 -42.26 27.62 -28.98
N ASN A 463 -41.09 26.97 -28.96
CA ASN A 463 -40.96 25.54 -28.75
C ASN A 463 -41.26 24.74 -30.02
N LYS A 464 -41.21 25.42 -31.16
CA LYS A 464 -41.41 24.75 -32.44
C LYS A 464 -40.01 24.33 -32.88
N GLU A 465 -39.88 23.10 -33.36
CA GLU A 465 -38.59 22.59 -33.76
C GLU A 465 -38.57 21.80 -35.08
N GLN A 466 -37.37 21.70 -35.64
CA GLN A 466 -37.14 20.97 -36.88
C GLN A 466 -35.80 20.27 -36.68
N SER A 467 -35.66 19.08 -37.25
CA SER A 467 -34.43 18.34 -37.11
C SER A 467 -34.24 17.35 -38.25
N ILE A 468 -33.02 16.87 -38.40
CA ILE A 468 -32.69 15.87 -39.42
C ILE A 468 -31.53 15.08 -38.88
N THR A 469 -31.41 13.89 -39.29
CA THR A 469 -30.33 12.92 -39.05
C THR A 469 -29.31 13.07 -40.13
N ILE A 470 -28.27 13.86 -39.82
CA ILE A 470 -27.22 14.05 -40.85
C ILE A 470 -26.43 12.74 -40.93
N LYS A 471 -26.30 12.62 -42.26
CA LYS A 471 -26.48 11.19 -42.48
C LYS A 471 -25.58 10.53 -43.46
N SER A 472 -25.24 9.24 -43.26
CA SER A 472 -23.99 8.83 -44.03
C SER A 472 -24.40 8.42 -45.48
N SER A 473 -23.49 8.15 -46.29
CA SER A 473 -22.89 8.53 -47.55
C SER A 473 -22.34 9.99 -47.25
N SER A 474 -22.16 9.94 -45.99
CA SER A 474 -22.36 10.72 -44.68
C SER A 474 -21.15 11.73 -44.80
N GLY A 475 -20.47 11.20 -45.88
CA GLY A 475 -19.54 11.85 -46.75
C GLY A 475 -18.10 11.42 -46.63
N LEU A 476 -17.54 11.74 -45.48
CA LEU A 476 -16.06 11.55 -45.68
C LEU A 476 -15.51 10.43 -44.83
N SER A 477 -14.45 9.79 -45.29
CA SER A 477 -13.85 8.68 -44.65
C SER A 477 -12.38 8.68 -44.41
N GLU A 478 -11.68 8.19 -45.45
CA GLU A 478 -10.25 7.86 -45.36
C GLU A 478 -9.30 8.99 -45.58
N GLU A 479 -9.38 9.24 -46.89
CA GLU A 479 -8.30 10.19 -47.33
C GLU A 479 -8.73 11.60 -47.03
N GLU A 480 -9.93 11.72 -47.51
CA GLU A 480 -10.49 13.06 -47.50
C GLU A 480 -10.37 13.64 -46.11
N ILE A 481 -10.57 12.81 -45.10
CA ILE A 481 -10.49 13.28 -43.71
C ILE A 481 -9.12 13.84 -43.37
N GLN A 482 -8.04 13.16 -43.81
CA GLN A 482 -6.69 13.62 -43.51
C GLN A 482 -6.27 14.76 -44.45
N ARG A 483 -6.72 14.70 -45.69
CA ARG A 483 -6.37 15.72 -46.67
C ARG A 483 -6.82 17.09 -46.19
N MET A 484 -8.07 17.11 -45.67
CA MET A 484 -8.62 18.39 -45.08
C MET A 484 -7.98 18.68 -43.76
N ILE A 485 -7.87 17.64 -42.89
CA ILE A 485 -7.16 17.90 -41.65
C ILE A 485 -5.80 18.55 -41.79
N LYS A 486 -5.04 18.20 -42.80
CA LYS A 486 -3.75 18.96 -42.99
C LYS A 486 -3.94 20.34 -43.56
N GLU A 487 -4.63 20.34 -44.72
CA GLU A 487 -4.84 21.56 -45.50
C GLU A 487 -5.37 22.76 -44.72
N ALA A 488 -6.09 22.52 -43.62
CA ALA A 488 -6.61 23.58 -42.75
C ALA A 488 -5.53 24.27 -42.00
N GLU A 489 -4.59 23.54 -41.35
CA GLU A 489 -3.43 24.30 -40.83
C GLU A 489 -2.46 24.80 -41.84
N GLU A 490 -2.11 24.05 -42.85
CA GLU A 490 -1.45 24.43 -44.08
C GLU A 490 -1.84 25.86 -44.54
N ASN A 491 -2.99 26.01 -45.13
CA ASN A 491 -3.42 27.32 -45.61
C ASN A 491 -4.13 28.01 -44.44
N ALA A 492 -3.34 28.63 -43.68
CA ALA A 492 -3.79 29.00 -42.35
C ALA A 492 -4.54 30.27 -42.19
N GLU A 493 -4.11 31.12 -43.39
CA GLU A 493 -4.12 32.47 -42.76
C GLU A 493 -4.80 33.49 -43.65
N ALA A 494 -5.93 32.96 -44.24
CA ALA A 494 -7.25 33.53 -44.44
C ALA A 494 -8.31 33.27 -43.34
N ASP A 495 -7.89 32.94 -42.18
CA ASP A 495 -8.02 33.26 -40.79
C ASP A 495 -7.79 34.83 -40.69
N ARG A 496 -7.19 35.43 -41.65
CA ARG A 496 -7.61 36.72 -42.18
C ARG A 496 -9.10 36.99 -42.27
N LYS A 497 -9.92 36.07 -42.55
CA LYS A 497 -11.34 35.82 -42.41
C LYS A 497 -12.03 36.45 -41.23
N ARG A 498 -11.29 36.81 -40.22
CA ARG A 498 -11.57 37.80 -39.18
C ARG A 498 -11.75 39.22 -39.81
N LYS A 499 -11.65 39.39 -41.09
CA LYS A 499 -12.09 40.41 -42.05
C LYS A 499 -13.63 40.48 -42.11
N GLU A 500 -14.19 39.37 -41.78
CA GLU A 500 -15.55 39.01 -41.36
C GLU A 500 -16.12 39.68 -40.17
N ALA A 501 -15.36 40.59 -39.66
CA ALA A 501 -15.88 41.63 -38.68
C ALA A 501 -16.53 42.80 -39.44
N ALA A 502 -17.35 42.36 -40.36
CA ALA A 502 -18.45 43.02 -41.08
C ALA A 502 -19.65 43.14 -40.06
N GLU A 503 -19.46 44.21 -39.43
CA GLU A 503 -19.76 45.00 -38.31
C GLU A 503 -20.85 46.03 -38.68
N LEU A 504 -21.70 46.36 -37.92
CA LEU A 504 -23.05 45.87 -37.42
C LEU A 504 -24.19 46.79 -37.38
#